data_2CDM
#
_entry.id   2CDM
#
_cell.length_a   148.383
_cell.length_b   148.383
_cell.length_c   79.505
_cell.angle_alpha   90.00
_cell.angle_beta   90.00
_cell.angle_gamma   120.00
#
_symmetry.space_group_name_H-M   'P 65'
#
loop_
_entity.id
_entity.type
_entity.pdbx_description
1 polymer TRWC
2 polymer "5'-D(*GP*CP*GP*CP*AP*CP*CP*GP*AP*AP *AP*GP*GP*TP*GP*CP*GP*TP*AP*TP*TP*GP*TP*CP*TP*AP*T)-3'"
3 non-polymer 'SULFATE ION'
4 water water
#
loop_
_entity_poly.entity_id
_entity_poly.type
_entity_poly.pdbx_seq_one_letter_code
_entity_poly.pdbx_strand_id
1 'polypeptide(L)'
;(MSE)LSH(MSE)VLTRQDIGRAASFYEDGADDYYAKDGDASEWQGKGAEELGLSGEVDSKRFRELLAGNIGEGHRI
(MSE)RSATRQDSKERIGLDLTFSAPKSVSLQALVAGDAEIIKAHDRAVARTLEQAEARAQARQKIQGKTRIETTGNLVI
GKFRHETSRERDPQLHTHAVILN(MSE)TKRSDGQWRALKNDEIVKATRYLGAVYNAELAHELQKLGYQLRYGKDGNFDL
AHIDRQQIEGFSKRTEQIAEWYAARGLDPNSVSLEQKQAAKVLSRAKKTSVDREALRAEWQATAKELGIDFS
;
A,C
2 'polydeoxyribonucleotide'
;(DG)(DC)(DG)(DC)(DA)(DC)(DC)(DG)(DA)(DA)(DA)(DG)(DG)(DT)(DG)(DC)(DG)(DT)(DA)(DT)
(DT)(DG)(DT)(DC)(DT)(DA)(DT)
;
B,D
#
loop_
_chem_comp.id
_chem_comp.type
_chem_comp.name
_chem_comp.formula
DA DNA linking 2'-DEOXYADENOSINE-5'-MONOPHOSPHATE 'C10 H14 N5 O6 P'
DC DNA linking 2'-DEOXYCYTIDINE-5'-MONOPHOSPHATE 'C9 H14 N3 O7 P'
DG DNA linking 2'-DEOXYGUANOSINE-5'-MONOPHOSPHATE 'C10 H14 N5 O7 P'
DT DNA linking THYMIDINE-5'-MONOPHOSPHATE 'C10 H15 N2 O8 P'
SO4 non-polymer 'SULFATE ION' 'O4 S -2'
#
# COMPACT_ATOMS: atom_id res chain seq x y z
N MSE A 1 -9.82 17.06 -18.42
CA MSE A 1 -10.99 17.61 -17.68
C MSE A 1 -10.55 18.03 -16.28
O MSE A 1 -9.78 17.33 -15.62
CB MSE A 1 -12.11 16.57 -17.61
CG MSE A 1 -13.37 17.01 -16.85
SE MSE A 1 -14.33 18.53 -17.64
CE MSE A 1 -14.18 18.00 -19.47
N LEU A 2 -11.03 19.18 -15.84
CA LEU A 2 -10.79 19.64 -14.50
C LEU A 2 -12.14 19.93 -13.89
N SER A 3 -12.47 19.21 -12.82
CA SER A 3 -13.67 19.52 -12.07
C SER A 3 -13.30 19.78 -10.62
N HIS A 4 -14.13 20.57 -9.96
CA HIS A 4 -13.82 20.94 -8.60
C HIS A 4 -14.96 20.67 -7.65
N MSE A 5 -14.61 20.62 -6.37
CA MSE A 5 -15.62 20.51 -5.34
C MSE A 5 -15.10 20.96 -3.99
O MSE A 5 -14.03 20.52 -3.54
CB MSE A 5 -16.16 19.11 -5.25
CG MSE A 5 -17.51 19.05 -4.58
SE MSE A 5 -17.42 17.39 -3.72
CE MSE A 5 -18.87 16.50 -4.75
N VAL A 6 -15.84 21.87 -3.38
CA VAL A 6 -15.61 22.29 -2.00
C VAL A 6 -15.92 21.12 -1.07
N LEU A 7 -14.92 20.73 -0.29
CA LEU A 7 -15.04 19.61 0.63
C LEU A 7 -15.40 20.10 2.03
N THR A 8 -16.45 19.53 2.62
CA THR A 8 -16.90 19.95 3.94
C THR A 8 -16.63 18.88 5.01
N ARG A 9 -16.81 19.25 6.29
CA ARG A 9 -16.52 18.36 7.43
C ARG A 9 -17.18 16.98 7.34
N GLN A 10 -18.36 16.91 6.73
CA GLN A 10 -19.03 15.63 6.45
C GLN A 10 -18.32 14.74 5.42
N ASP A 11 -17.33 15.30 4.71
CA ASP A 11 -16.54 14.59 3.68
C ASP A 11 -15.23 14.00 4.24
N ILE A 12 -15.06 14.07 5.56
CA ILE A 12 -13.79 13.68 6.21
C ILE A 12 -13.46 12.18 6.16
N GLY A 13 -14.47 11.35 5.86
CA GLY A 13 -14.26 9.94 5.59
C GLY A 13 -13.83 9.75 4.15
N ARG A 14 -14.67 10.25 3.24
CA ARG A 14 -14.45 10.16 1.80
C ARG A 14 -13.16 10.85 1.34
N ALA A 15 -12.87 12.02 1.91
CA ALA A 15 -11.66 12.76 1.56
C ALA A 15 -10.38 12.11 2.08
N ALA A 16 -10.51 11.20 3.05
CA ALA A 16 -9.37 10.43 3.54
C ALA A 16 -9.30 9.07 2.87
N SER A 17 -10.38 8.71 2.16
CA SER A 17 -10.43 7.48 1.37
C SER A 17 -9.77 7.69 0.00
N PHE A 18 -9.35 8.93 -0.28
CA PHE A 18 -8.55 9.24 -1.47
C PHE A 18 -7.22 8.50 -1.40
N TYR A 19 -6.76 8.19 -0.20
CA TYR A 19 -5.43 7.61 0.01
C TYR A 19 -5.31 6.16 -0.45
N ALA A 33 1.75 7.11 -6.33
CA ALA A 33 0.28 7.18 -6.20
C ALA A 33 -0.22 8.31 -5.28
N SER A 34 0.59 8.67 -4.28
CA SER A 34 0.35 9.81 -3.41
C SER A 34 1.51 10.79 -3.47
N GLU A 35 1.24 12.08 -3.59
CA GLU A 35 2.32 13.04 -3.54
C GLU A 35 1.83 14.35 -2.92
N TRP A 36 2.63 14.92 -2.03
CA TRP A 36 2.46 16.28 -1.56
C TRP A 36 2.93 17.21 -2.65
N GLN A 37 2.28 18.38 -2.73
CA GLN A 37 2.79 19.48 -3.55
C GLN A 37 2.44 20.78 -2.85
N GLY A 38 3.26 21.80 -3.06
CA GLY A 38 2.91 23.14 -2.64
C GLY A 38 4.04 23.75 -1.85
N LYS A 39 4.25 25.06 -2.04
CA LYS A 39 5.21 25.80 -1.23
C LYS A 39 4.79 25.71 0.22
N GLY A 40 3.49 25.76 0.46
CA GLY A 40 2.92 25.51 1.78
C GLY A 40 3.36 24.17 2.33
N ALA A 41 3.19 23.11 1.54
CA ALA A 41 3.65 21.78 1.96
C ALA A 41 5.15 21.74 2.25
N GLU A 42 5.98 22.22 1.35
CA GLU A 42 7.46 22.24 1.59
C GLU A 42 7.84 22.95 2.91
N GLU A 43 7.21 24.11 3.14
CA GLU A 43 7.49 24.92 4.32
C GLU A 43 7.12 24.18 5.63
N LEU A 44 6.17 23.24 5.55
CA LEU A 44 5.83 22.42 6.70
C LEU A 44 6.70 21.16 6.78
N GLY A 45 7.57 20.94 5.78
CA GLY A 45 8.44 19.79 5.74
C GLY A 45 7.73 18.56 5.23
N LEU A 46 6.72 18.78 4.37
CA LEU A 46 5.98 17.70 3.73
C LEU A 46 6.41 17.56 2.29
N SER A 47 6.98 16.41 1.95
CA SER A 47 7.30 16.11 0.55
C SER A 47 7.48 14.62 0.38
N GLY A 48 7.14 14.12 -0.81
CA GLY A 48 7.10 12.67 -1.04
C GLY A 48 5.72 12.11 -0.81
N GLU A 49 5.65 10.82 -0.49
CA GLU A 49 4.37 10.16 -0.32
C GLU A 49 3.54 10.83 0.82
N VAL A 50 2.22 10.84 0.67
CA VAL A 50 1.33 11.47 1.64
C VAL A 50 1.07 10.49 2.78
N ASP A 51 1.63 10.76 3.95
CA ASP A 51 1.29 9.98 5.13
C ASP A 51 -0.18 10.28 5.52
N SER A 52 -0.98 9.23 5.70
CA SER A 52 -2.43 9.41 5.83
C SER A 52 -2.88 9.96 7.17
N LYS A 53 -2.12 9.69 8.22
CA LYS A 53 -2.43 10.25 9.53
C LYS A 53 -2.25 11.77 9.51
N ARG A 54 -1.14 12.21 8.93
CA ARG A 54 -0.89 13.64 8.78
C ARG A 54 -1.96 14.32 7.91
N PHE A 55 -2.37 13.65 6.82
CA PHE A 55 -3.41 14.15 5.93
C PHE A 55 -4.72 14.36 6.67
N ARG A 56 -5.11 13.38 7.48
CA ARG A 56 -6.30 13.47 8.33
C ARG A 56 -6.18 14.63 9.33
N GLU A 57 -5.01 14.82 9.91
CA GLU A 57 -4.78 15.94 10.84
C GLU A 57 -4.99 17.29 10.14
N LEU A 58 -4.37 17.44 8.96
CA LEU A 58 -4.51 18.68 8.18
C LEU A 58 -5.93 18.90 7.67
N LEU A 59 -6.65 17.82 7.33
CA LEU A 59 -8.07 17.90 6.96
C LEU A 59 -8.86 18.52 8.09
N ALA A 60 -8.50 18.17 9.32
CA ALA A 60 -9.20 18.65 10.50
C ALA A 60 -8.75 20.06 10.92
N GLY A 61 -7.74 20.59 10.24
CA GLY A 61 -7.22 21.93 10.55
C GLY A 61 -6.17 21.92 11.65
N ASN A 62 -5.74 20.71 12.03
CA ASN A 62 -4.66 20.53 12.98
C ASN A 62 -3.30 20.55 12.28
N ILE A 63 -2.83 21.75 11.95
CA ILE A 63 -1.55 21.96 11.29
C ILE A 63 -0.36 21.59 12.21
N GLY A 64 -0.63 21.55 13.51
CA GLY A 64 0.33 21.08 14.50
C GLY A 64 1.48 22.03 14.71
N GLU A 65 2.64 21.46 15.04
CA GLU A 65 3.91 22.18 15.23
C GLU A 65 3.78 23.62 15.74
N GLY A 66 3.28 23.75 16.97
CA GLY A 66 3.16 25.04 17.65
C GLY A 66 2.18 26.01 17.01
N HIS A 67 1.01 25.49 16.64
CA HIS A 67 -0.08 26.32 16.12
C HIS A 67 -1.42 25.90 16.73
N ARG A 68 -2.25 26.89 16.99
CA ARG A 68 -3.65 26.71 17.43
C ARG A 68 -4.44 25.93 16.37
N ILE A 69 -5.42 25.13 16.80
CA ILE A 69 -6.33 24.47 15.84
C ILE A 69 -6.99 25.54 14.94
N MSE A 70 -7.03 25.29 13.64
CA MSE A 70 -7.47 26.30 12.67
C MSE A 70 -8.99 26.42 12.56
O MSE A 70 -9.73 25.50 12.94
CB MSE A 70 -6.86 26.02 11.29
CG MSE A 70 -5.37 26.34 11.19
SE MSE A 70 -4.67 26.20 9.36
CE MSE A 70 -5.91 27.43 8.52
N ARG A 71 -9.46 27.56 12.04
CA ARG A 71 -10.83 27.73 11.57
C ARG A 71 -11.95 27.86 12.62
N SER A 72 -11.58 28.07 13.89
CA SER A 72 -12.59 28.11 14.99
C SER A 72 -13.64 29.23 14.86
N ALA A 73 -13.35 30.23 14.01
CA ALA A 73 -14.23 31.35 13.76
C ALA A 73 -15.34 31.02 12.74
N THR A 74 -15.60 29.74 12.54
CA THR A 74 -16.63 29.30 11.60
C THR A 74 -17.98 29.28 12.30
N ARG A 75 -18.95 29.95 11.69
CA ARG A 75 -20.32 29.98 12.21
C ARG A 75 -20.86 28.57 12.37
N GLN A 76 -21.60 28.34 13.45
CA GLN A 76 -22.25 27.04 13.65
C GLN A 76 -23.40 26.79 12.67
N ASP A 77 -23.98 27.85 12.08
CA ASP A 77 -25.01 27.68 11.06
C ASP A 77 -24.46 27.22 9.70
N SER A 78 -23.22 27.60 9.40
CA SER A 78 -22.52 27.20 8.19
C SER A 78 -21.74 25.90 8.41
N LYS A 79 -21.39 25.21 7.34
CA LYS A 79 -20.55 24.01 7.42
C LYS A 79 -19.08 24.42 7.41
N GLU A 80 -18.23 23.72 8.15
CA GLU A 80 -16.80 24.02 8.06
C GLU A 80 -16.17 23.35 6.82
N ARG A 81 -15.16 24.00 6.26
CA ARG A 81 -14.55 23.54 5.01
C ARG A 81 -13.19 22.90 5.25
N ILE A 82 -13.08 21.62 4.93
CA ILE A 82 -11.85 20.85 5.11
C ILE A 82 -10.87 20.96 3.94
N GLY A 83 -11.34 21.43 2.78
CA GLY A 83 -10.50 21.53 1.61
C GLY A 83 -11.25 21.83 0.34
N LEU A 84 -10.51 21.77 -0.77
CA LEU A 84 -11.05 21.97 -2.10
C LEU A 84 -10.45 20.91 -3.02
N ASP A 85 -11.32 20.03 -3.55
CA ASP A 85 -10.88 18.93 -4.42
C ASP A 85 -10.87 19.33 -5.89
N LEU A 86 -9.68 19.30 -6.52
CA LEU A 86 -9.59 19.51 -7.97
C LEU A 86 -9.32 18.17 -8.64
N THR A 87 -10.18 17.76 -9.56
CA THR A 87 -9.96 16.48 -10.22
C THR A 87 -9.58 16.62 -11.69
N PHE A 88 -8.36 16.17 -11.97
CA PHE A 88 -7.81 16.18 -13.30
C PHE A 88 -8.05 14.82 -13.93
N SER A 89 -8.59 14.81 -15.14
CA SER A 89 -8.97 13.56 -15.80
C SER A 89 -8.51 13.60 -17.23
N ALA A 90 -7.67 12.64 -17.60
CA ALA A 90 -7.10 12.55 -18.94
C ALA A 90 -8.18 12.16 -19.93
N PRO A 91 -8.02 12.52 -21.22
CA PRO A 91 -8.89 11.99 -22.28
C PRO A 91 -8.90 10.46 -22.32
N LYS A 92 -9.97 9.87 -22.83
CA LYS A 92 -10.13 8.43 -22.72
C LYS A 92 -9.03 7.66 -23.43
N SER A 93 -8.63 8.12 -24.60
CA SER A 93 -7.57 7.46 -25.34
C SER A 93 -6.26 7.44 -24.55
N VAL A 94 -6.01 8.52 -23.80
CA VAL A 94 -4.84 8.59 -22.93
C VAL A 94 -4.98 7.56 -21.80
N SER A 95 -6.17 7.46 -21.22
CA SER A 95 -6.43 6.44 -20.21
C SER A 95 -6.20 5.05 -20.76
N LEU A 96 -6.64 4.81 -21.99
CA LEU A 96 -6.45 3.53 -22.62
C LEU A 96 -4.97 3.19 -22.77
N GLN A 97 -4.22 4.07 -23.41
CA GLN A 97 -2.80 3.83 -23.61
C GLN A 97 -2.05 3.67 -22.28
N ALA A 98 -2.42 4.44 -21.27
CA ALA A 98 -1.72 4.36 -19.99
C ALA A 98 -2.01 3.06 -19.27
N LEU A 99 -3.30 2.73 -19.17
CA LEU A 99 -3.79 1.71 -18.23
C LEU A 99 -4.10 0.32 -18.84
N VAL A 100 -4.50 0.28 -20.10
CA VAL A 100 -4.79 -0.99 -20.76
C VAL A 100 -3.47 -1.55 -21.35
N ALA A 101 -2.88 -0.83 -22.30
CA ALA A 101 -1.57 -1.21 -22.86
C ALA A 101 -0.47 -1.24 -21.80
N GLY A 102 -0.51 -0.30 -20.86
CA GLY A 102 0.50 -0.22 -19.79
C GLY A 102 1.64 0.67 -20.21
N ASP A 103 1.60 1.94 -19.83
CA ASP A 103 2.66 2.86 -20.22
C ASP A 103 2.96 3.88 -19.12
N ALA A 104 4.11 3.69 -18.47
CA ALA A 104 4.54 4.54 -17.38
C ALA A 104 4.84 5.97 -17.84
N GLU A 105 5.34 6.12 -19.06
CA GLU A 105 5.57 7.46 -19.63
C GLU A 105 4.27 8.27 -19.72
N ILE A 106 3.20 7.66 -20.21
CA ILE A 106 1.92 8.36 -20.23
C ILE A 106 1.50 8.75 -18.80
N ILE A 107 1.65 7.81 -17.85
CA ILE A 107 1.30 8.12 -16.47
C ILE A 107 2.12 9.33 -16.00
N LYS A 108 3.42 9.32 -16.31
CA LYS A 108 4.36 10.38 -15.94
C LYS A 108 3.96 11.72 -16.58
N ALA A 109 3.60 11.67 -17.85
CA ALA A 109 3.11 12.82 -18.60
C ALA A 109 1.87 13.43 -17.94
N HIS A 110 0.97 12.60 -17.41
CA HIS A 110 -0.23 13.12 -16.75
C HIS A 110 0.16 13.73 -15.40
N ASP A 111 1.07 13.09 -14.69
CA ASP A 111 1.55 13.58 -13.43
C ASP A 111 2.17 14.98 -13.58
N ARG A 112 2.93 15.18 -14.65
CA ARG A 112 3.57 16.47 -14.91
C ARG A 112 2.55 17.55 -15.26
N ALA A 113 1.59 17.19 -16.09
CA ALA A 113 0.52 18.09 -16.45
C ALA A 113 -0.21 18.56 -15.18
N VAL A 114 -0.49 17.63 -14.27
CA VAL A 114 -1.17 18.00 -13.03
C VAL A 114 -0.29 18.95 -12.19
N ALA A 115 0.96 18.57 -11.96
CA ALA A 115 1.86 19.35 -11.13
C ALA A 115 2.03 20.78 -11.65
N ARG A 116 2.18 20.93 -12.97
CA ARG A 116 2.32 22.27 -13.55
C ARG A 116 1.04 23.10 -13.49
N THR A 117 -0.13 22.46 -13.62
CA THR A 117 -1.38 23.18 -13.51
C THR A 117 -1.58 23.67 -12.06
N LEU A 118 -1.18 22.84 -11.11
CA LEU A 118 -1.37 23.17 -9.69
C LEU A 118 -0.42 24.29 -9.26
N GLU A 119 0.70 24.43 -9.95
CA GLU A 119 1.55 25.59 -9.74
C GLU A 119 0.81 26.88 -10.09
N GLN A 120 0.06 26.85 -11.19
CA GLN A 120 -0.80 27.96 -11.52
C GLN A 120 -2.00 28.09 -10.58
N ALA A 121 -2.50 26.98 -10.03
CA ALA A 121 -3.54 27.11 -8.99
C ALA A 121 -2.95 27.76 -7.73
N GLU A 122 -1.79 27.28 -7.28
CA GLU A 122 -1.08 27.87 -6.15
C GLU A 122 -0.85 29.39 -6.31
N ALA A 123 -0.53 29.83 -7.53
CA ALA A 123 -0.23 31.23 -7.77
C ALA A 123 -1.43 32.10 -7.37
N ARG A 124 -2.64 31.53 -7.46
CA ARG A 124 -3.89 32.24 -7.25
C ARG A 124 -4.45 32.10 -5.83
N ALA A 125 -3.67 31.52 -4.92
CA ALA A 125 -4.15 31.33 -3.55
C ALA A 125 -4.21 32.65 -2.79
N GLN A 126 -5.28 32.82 -2.02
CA GLN A 126 -5.59 34.08 -1.37
C GLN A 126 -6.03 33.94 0.06
N ALA A 127 -5.95 35.06 0.77
CA ALA A 127 -6.38 35.11 2.16
C ALA A 127 -6.96 36.48 2.49
N ARG A 128 -7.67 36.58 3.62
CA ARG A 128 -8.12 37.86 4.12
C ARG A 128 -7.37 38.23 5.39
N GLN A 129 -7.23 39.53 5.60
CA GLN A 129 -6.80 40.06 6.88
C GLN A 129 -7.66 41.26 7.25
N LYS A 130 -7.99 41.37 8.53
CA LYS A 130 -8.82 42.43 9.06
C LYS A 130 -7.99 43.33 9.97
N ILE A 131 -7.70 44.55 9.52
CA ILE A 131 -7.01 45.51 10.38
C ILE A 131 -7.96 46.65 10.82
N GLN A 132 -8.42 46.53 12.07
CA GLN A 132 -9.35 47.49 12.68
C GLN A 132 -10.62 47.76 11.87
N GLY A 133 -11.42 46.70 11.71
CA GLY A 133 -12.66 46.72 10.95
C GLY A 133 -12.48 46.76 9.44
N LYS A 134 -11.24 46.84 8.99
CA LYS A 134 -10.98 47.00 7.57
C LYS A 134 -10.32 45.74 6.99
N THR A 135 -11.00 45.14 6.02
CA THR A 135 -10.62 43.89 5.42
C THR A 135 -9.90 44.12 4.11
N ARG A 136 -8.71 43.54 3.98
CA ARG A 136 -8.04 43.51 2.70
C ARG A 136 -7.81 42.07 2.25
N ILE A 137 -7.75 41.86 0.94
CA ILE A 137 -7.54 40.53 0.40
C ILE A 137 -6.11 40.46 -0.11
N GLU A 138 -5.46 39.36 0.22
CA GLU A 138 -4.05 39.17 -0.01
C GLU A 138 -3.84 38.00 -0.99
N THR A 139 -2.80 38.07 -1.80
CA THR A 139 -2.40 36.94 -2.66
C THR A 139 -1.19 36.25 -2.03
N THR A 140 -1.44 35.07 -1.47
CA THR A 140 -0.47 34.38 -0.66
C THR A 140 0.49 33.55 -1.52
N GLY A 141 -0.03 33.01 -2.61
CA GLY A 141 0.76 32.20 -3.51
C GLY A 141 1.27 30.88 -2.95
N ASN A 142 0.63 30.36 -1.90
CA ASN A 142 1.07 29.09 -1.34
C ASN A 142 -0.08 28.14 -0.93
N LEU A 143 0.10 26.86 -1.21
CA LEU A 143 -0.91 25.85 -0.87
C LEU A 143 -0.28 24.60 -0.22
N VAL A 144 -1.14 23.79 0.37
CA VAL A 144 -0.76 22.47 0.86
C VAL A 144 -1.72 21.55 0.13
N ILE A 145 -1.18 20.63 -0.66
CA ILE A 145 -2.00 19.80 -1.55
C ILE A 145 -1.64 18.33 -1.46
N GLY A 146 -2.63 17.46 -1.29
CA GLY A 146 -2.39 16.02 -1.35
C GLY A 146 -2.89 15.50 -2.70
N LYS A 147 -2.00 14.92 -3.49
CA LYS A 147 -2.39 14.34 -4.77
C LYS A 147 -2.51 12.82 -4.70
N PHE A 148 -3.62 12.32 -5.21
CA PHE A 148 -3.91 10.90 -5.20
C PHE A 148 -4.33 10.50 -6.60
N ARG A 149 -3.56 9.60 -7.22
CA ARG A 149 -3.85 9.16 -8.57
C ARG A 149 -4.75 7.94 -8.53
N HIS A 150 -5.75 7.91 -9.41
CA HIS A 150 -6.69 6.80 -9.47
C HIS A 150 -6.90 6.40 -10.90
N GLU A 151 -7.52 5.25 -11.10
CA GLU A 151 -7.41 4.55 -12.37
C GLU A 151 -8.69 4.03 -13.00
N THR A 152 -9.80 4.05 -12.26
CA THR A 152 -11.07 3.47 -12.75
C THR A 152 -12.24 4.43 -12.55
N SER A 153 -13.28 4.31 -13.38
CA SER A 153 -14.52 5.05 -13.16
C SER A 153 -15.49 4.22 -12.32
N ARG A 154 -16.66 4.78 -12.01
CA ARG A 154 -17.66 4.06 -11.26
C ARG A 154 -18.24 2.87 -12.00
N GLU A 155 -18.13 2.86 -13.32
CA GLU A 155 -18.49 1.69 -14.11
C GLU A 155 -17.27 0.80 -14.43
N ARG A 156 -16.17 1.04 -13.72
CA ARG A 156 -14.94 0.24 -13.81
C ARG A 156 -14.24 0.25 -15.16
N ASP A 157 -14.54 1.29 -15.94
CA ASP A 157 -13.76 1.59 -17.14
C ASP A 157 -12.36 2.16 -16.77
N PRO A 158 -11.37 2.01 -17.67
CA PRO A 158 -10.09 2.67 -17.38
C PRO A 158 -10.27 4.18 -17.43
N GLN A 159 -9.76 4.86 -16.41
CA GLN A 159 -10.01 6.29 -16.25
C GLN A 159 -8.89 6.93 -15.42
N LEU A 160 -7.88 7.45 -16.11
CA LEU A 160 -6.73 8.04 -15.42
C LEU A 160 -7.12 9.39 -14.84
N HIS A 161 -7.05 9.52 -13.51
CA HIS A 161 -7.43 10.76 -12.86
C HIS A 161 -6.80 10.98 -11.49
N THR A 162 -6.53 12.24 -11.18
CA THR A 162 -5.84 12.59 -9.97
C THR A 162 -6.70 13.54 -9.19
N HIS A 163 -6.98 13.17 -7.94
CA HIS A 163 -7.61 14.06 -6.98
C HIS A 163 -6.54 14.93 -6.34
N ALA A 164 -6.63 16.22 -6.55
CA ALA A 164 -5.72 17.13 -5.87
C ALA A 164 -6.46 17.82 -4.74
N VAL A 165 -6.36 17.27 -3.53
CA VAL A 165 -7.05 17.87 -2.40
C VAL A 165 -6.24 19.04 -1.87
N ILE A 166 -6.72 20.24 -2.18
CA ILE A 166 -6.13 21.46 -1.70
C ILE A 166 -6.66 21.63 -0.29
N LEU A 167 -5.78 21.59 0.71
CA LEU A 167 -6.23 21.80 2.08
C LEU A 167 -6.61 23.24 2.32
N ASN A 168 -7.53 23.45 3.26
CA ASN A 168 -8.11 24.77 3.50
C ASN A 168 -7.24 25.57 4.46
N MSE A 169 -6.11 26.03 3.92
CA MSE A 169 -5.10 26.70 4.73
C MSE A 169 -4.10 27.38 3.81
O MSE A 169 -3.81 26.86 2.72
CB MSE A 169 -4.38 25.68 5.63
CG MSE A 169 -3.82 24.45 4.88
SE MSE A 169 -2.89 23.23 6.04
CE MSE A 169 -4.39 22.75 7.24
N THR A 170 -3.57 28.52 4.22
CA THR A 170 -2.52 29.19 3.48
C THR A 170 -1.81 30.18 4.42
N LYS A 171 -0.54 30.47 4.14
CA LYS A 171 0.26 31.33 5.00
C LYS A 171 0.28 32.77 4.48
N ARG A 172 -0.23 33.68 5.30
CA ARG A 172 -0.28 35.09 4.94
C ARG A 172 1.08 35.77 5.02
N SER A 173 1.09 37.06 4.66
CA SER A 173 2.25 37.95 4.74
C SER A 173 2.83 38.13 6.13
N ASP A 174 1.97 38.12 7.13
CA ASP A 174 2.41 38.21 8.51
C ASP A 174 2.84 36.84 9.06
N GLY A 175 2.90 35.83 8.18
CA GLY A 175 3.40 34.51 8.54
C GLY A 175 2.39 33.70 9.29
N GLN A 176 1.12 34.08 9.18
CA GLN A 176 0.06 33.51 9.98
C GLN A 176 -0.77 32.55 9.11
N TRP A 177 -1.19 31.43 9.71
CA TRP A 177 -1.93 30.40 8.96
C TRP A 177 -3.43 30.64 9.04
N ARG A 178 -4.03 30.92 7.89
CA ARG A 178 -5.45 31.20 7.81
C ARG A 178 -6.11 30.35 6.75
N ALA A 179 -7.44 30.26 6.81
CA ALA A 179 -8.21 29.54 5.80
C ALA A 179 -7.98 30.13 4.41
N LEU A 180 -8.04 29.29 3.39
CA LEU A 180 -7.86 29.70 2.01
C LEU A 180 -9.10 30.45 1.53
N LYS A 181 -8.89 31.62 0.93
CA LYS A 181 -9.93 32.23 0.13
C LYS A 181 -9.81 31.62 -1.28
N ASN A 182 -10.85 30.91 -1.71
CA ASN A 182 -10.73 30.04 -2.88
C ASN A 182 -11.24 30.62 -4.21
N ASP A 183 -11.81 31.82 -4.15
CA ASP A 183 -12.46 32.48 -5.32
C ASP A 183 -11.59 32.41 -6.58
N GLU A 184 -10.38 32.93 -6.48
CA GLU A 184 -9.44 32.94 -7.59
C GLU A 184 -9.12 31.56 -8.19
N ILE A 185 -9.16 30.51 -7.39
CA ILE A 185 -8.98 29.17 -7.94
C ILE A 185 -10.30 28.65 -8.49
N VAL A 186 -11.35 28.74 -7.68
CA VAL A 186 -12.68 28.25 -8.08
C VAL A 186 -13.19 28.91 -9.36
N LYS A 187 -13.00 30.22 -9.52
CA LYS A 187 -13.43 30.87 -10.77
C LYS A 187 -12.43 30.78 -11.92
N ALA A 188 -11.42 29.91 -11.81
CA ALA A 188 -10.44 29.74 -12.90
C ALA A 188 -10.35 28.30 -13.37
N THR A 189 -11.33 27.49 -12.96
CA THR A 189 -11.40 26.09 -13.30
C THR A 189 -11.30 25.81 -14.82
N ARG A 190 -12.02 26.59 -15.62
CA ARG A 190 -11.99 26.48 -17.06
C ARG A 190 -10.62 26.86 -17.65
N TYR A 191 -9.93 27.84 -17.03
CA TYR A 191 -8.60 28.19 -17.48
C TYR A 191 -7.57 27.12 -17.13
N LEU A 192 -7.56 26.70 -15.87
CA LEU A 192 -6.68 25.63 -15.39
C LEU A 192 -6.92 24.29 -16.12
N GLY A 193 -8.17 24.02 -16.46
CA GLY A 193 -8.46 22.92 -17.38
C GLY A 193 -7.70 23.00 -18.69
N ALA A 194 -7.59 24.20 -19.25
CA ALA A 194 -6.90 24.37 -20.52
C ALA A 194 -5.39 24.24 -20.34
N VAL A 195 -4.88 24.61 -19.16
CA VAL A 195 -3.46 24.45 -18.87
C VAL A 195 -3.09 22.96 -18.83
N TYR A 196 -3.94 22.18 -18.16
CA TYR A 196 -3.78 20.74 -18.10
C TYR A 196 -3.74 20.16 -19.52
N ASN A 197 -4.70 20.52 -20.38
CA ASN A 197 -4.68 19.99 -21.72
C ASN A 197 -3.43 20.38 -22.48
N ALA A 198 -3.11 21.67 -22.45
CA ALA A 198 -1.91 22.17 -23.11
C ALA A 198 -0.67 21.42 -22.64
N GLU A 199 -0.50 21.28 -21.33
CA GLU A 199 0.66 20.56 -20.81
C GLU A 199 0.66 19.08 -21.19
N LEU A 200 -0.48 18.41 -21.07
CA LEU A 200 -0.55 16.99 -21.42
C LEU A 200 -0.24 16.78 -22.91
N ALA A 201 -0.82 17.62 -23.76
CA ALA A 201 -0.62 17.51 -25.21
C ALA A 201 0.86 17.69 -25.56
N HIS A 202 1.49 18.69 -24.96
CA HIS A 202 2.89 18.92 -25.17
C HIS A 202 3.71 17.72 -24.73
N GLU A 203 3.43 17.18 -23.55
CA GLU A 203 4.16 15.99 -23.08
C GLU A 203 3.94 14.77 -23.97
N LEU A 204 2.70 14.55 -24.44
CA LEU A 204 2.42 13.44 -25.32
C LEU A 204 3.10 13.58 -26.69
N GLN A 205 3.26 14.81 -27.16
CA GLN A 205 3.95 15.04 -28.44
C GLN A 205 5.46 14.79 -28.32
N LYS A 206 6.03 15.06 -27.15
CA LYS A 206 7.43 14.71 -26.89
C LYS A 206 7.64 13.19 -26.92
N LEU A 207 6.61 12.43 -26.57
CA LEU A 207 6.73 10.98 -26.58
C LEU A 207 6.47 10.38 -27.97
N GLY A 208 6.28 11.24 -28.98
CA GLY A 208 6.04 10.79 -30.33
C GLY A 208 4.61 10.59 -30.84
N TYR A 209 3.61 10.77 -29.98
CA TYR A 209 2.21 10.59 -30.36
C TYR A 209 1.66 11.69 -31.27
N GLN A 210 0.81 11.29 -32.22
CA GLN A 210 0.06 12.20 -33.06
C GLN A 210 -1.29 12.45 -32.38
N LEU A 211 -1.83 13.66 -32.50
CA LEU A 211 -3.05 14.02 -31.79
C LEU A 211 -4.19 14.45 -32.71
N ARG A 212 -5.41 14.25 -32.24
CA ARG A 212 -6.63 14.61 -32.97
C ARG A 212 -7.44 15.57 -32.10
N TYR A 213 -7.87 16.67 -32.69
CA TYR A 213 -8.43 17.77 -31.91
C TYR A 213 -9.94 17.80 -31.90
N GLY A 214 -10.49 18.18 -30.75
CA GLY A 214 -11.93 18.25 -30.53
C GLY A 214 -12.42 19.56 -29.93
N LYS A 215 -12.78 20.49 -30.80
CA LYS A 215 -13.61 21.64 -30.40
C LYS A 215 -13.72 21.82 -28.88
N ASP A 216 -12.76 22.57 -28.30
CA ASP A 216 -12.67 22.92 -26.87
C ASP A 216 -11.21 23.04 -26.36
N GLY A 217 -10.25 22.53 -27.14
CA GLY A 217 -8.91 22.31 -26.60
C GLY A 217 -8.70 20.87 -26.22
N ASN A 218 -9.79 20.12 -26.06
CA ASN A 218 -9.71 18.69 -25.82
C ASN A 218 -9.07 18.00 -27.00
N PHE A 219 -8.44 16.87 -26.75
CA PHE A 219 -7.84 16.08 -27.82
C PHE A 219 -7.93 14.60 -27.46
N ASP A 220 -7.61 13.75 -28.42
CA ASP A 220 -7.32 12.35 -28.13
C ASP A 220 -6.10 11.91 -28.93
N LEU A 221 -5.52 10.78 -28.57
CA LEU A 221 -4.49 10.17 -29.38
C LEU A 221 -5.07 9.85 -30.76
N ALA A 222 -4.32 10.16 -31.82
CA ALA A 222 -4.84 9.98 -33.17
C ALA A 222 -5.13 8.54 -33.53
N HIS A 223 -4.31 7.60 -33.03
CA HIS A 223 -4.44 6.18 -33.40
C HIS A 223 -5.63 5.43 -32.77
N ILE A 224 -6.38 6.08 -31.87
CA ILE A 224 -7.58 5.52 -31.27
C ILE A 224 -8.78 6.36 -31.68
N ASP A 225 -9.80 5.74 -32.27
CA ASP A 225 -10.93 6.50 -32.82
C ASP A 225 -12.13 6.60 -31.88
N ARG A 226 -13.16 7.32 -32.31
CA ARG A 226 -14.29 7.64 -31.45
C ARG A 226 -15.09 6.41 -31.03
N GLN A 227 -15.24 5.44 -31.94
CA GLN A 227 -16.00 4.21 -31.62
C GLN A 227 -15.29 3.42 -30.52
N GLN A 228 -13.98 3.30 -30.66
CA GLN A 228 -13.11 2.71 -29.67
C GLN A 228 -13.14 3.44 -28.31
N ILE A 229 -13.23 4.78 -28.33
CA ILE A 229 -13.42 5.58 -27.13
C ILE A 229 -14.75 5.24 -26.47
N GLU A 230 -15.79 5.17 -27.29
CA GLU A 230 -17.15 4.93 -26.81
C GLU A 230 -17.30 3.58 -26.11
N GLY A 231 -16.65 2.56 -26.64
CA GLY A 231 -16.63 1.26 -25.99
C GLY A 231 -16.17 1.30 -24.54
N PHE A 232 -15.45 2.33 -24.16
CA PHE A 232 -14.84 2.38 -22.82
C PHE A 232 -15.35 3.54 -22.00
N SER A 233 -16.52 4.06 -22.37
CA SER A 233 -17.09 5.24 -21.75
C SER A 233 -18.52 4.98 -21.27
N LYS A 234 -18.69 3.98 -20.43
CA LYS A 234 -20.02 3.60 -19.97
C LYS A 234 -20.73 4.67 -19.14
N ARG A 235 -19.98 5.50 -18.42
CA ARG A 235 -20.59 6.52 -17.57
C ARG A 235 -21.17 7.63 -18.41
N THR A 236 -20.53 7.87 -19.56
CA THR A 236 -21.01 8.83 -20.54
C THR A 236 -22.32 8.38 -21.17
N GLU A 237 -22.43 7.08 -21.50
CA GLU A 237 -23.68 6.51 -22.00
C GLU A 237 -24.80 6.68 -20.98
N GLN A 238 -24.48 6.48 -19.71
CA GLN A 238 -25.47 6.64 -18.63
C GLN A 238 -25.99 8.07 -18.54
N ILE A 239 -25.08 9.05 -18.58
CA ILE A 239 -25.47 10.45 -18.57
C ILE A 239 -26.31 10.79 -19.81
N ALA A 240 -25.83 10.43 -21.00
CA ALA A 240 -26.55 10.73 -22.25
C ALA A 240 -27.96 10.18 -22.26
N GLU A 241 -28.18 9.05 -21.60
CA GLU A 241 -29.49 8.44 -21.54
C GLU A 241 -30.41 9.18 -20.55
N TRP A 242 -29.86 9.54 -19.40
CA TRP A 242 -30.61 10.28 -18.39
C TRP A 242 -31.16 11.63 -18.89
N TYR A 243 -30.54 12.19 -19.94
CA TYR A 243 -31.10 13.40 -20.59
C TYR A 243 -32.21 13.01 -21.56
N ALA A 244 -31.97 11.98 -22.38
CA ALA A 244 -32.94 11.52 -23.39
C ALA A 244 -34.26 11.05 -22.77
N ALA A 245 -34.22 10.59 -21.52
CA ALA A 245 -35.41 10.13 -20.81
C ALA A 245 -36.17 11.28 -20.17
N ARG A 246 -35.45 12.20 -19.53
CA ARG A 246 -36.05 13.40 -18.95
C ARG A 246 -36.43 14.42 -20.02
N GLY A 247 -36.20 14.09 -21.30
CA GLY A 247 -36.53 14.98 -22.42
C GLY A 247 -35.59 16.18 -22.56
N LEU A 248 -34.76 16.39 -21.54
CA LEU A 248 -33.76 17.45 -21.50
C LEU A 248 -32.78 17.38 -22.69
N ASP A 249 -32.30 18.55 -23.12
CA ASP A 249 -31.33 18.62 -24.22
C ASP A 249 -29.91 18.84 -23.70
N PRO A 250 -28.94 18.05 -24.20
CA PRO A 250 -27.55 18.10 -23.71
C PRO A 250 -26.82 19.43 -23.97
N ASN A 251 -27.44 20.32 -24.76
CA ASN A 251 -26.86 21.64 -25.04
C ASN A 251 -27.11 22.64 -23.92
N SER A 252 -28.37 22.75 -23.49
CA SER A 252 -28.72 23.67 -22.42
C SER A 252 -29.44 22.96 -21.30
N VAL A 253 -28.85 23.01 -20.11
CA VAL A 253 -29.43 22.44 -18.88
C VAL A 253 -28.86 23.13 -17.66
N SER A 254 -29.69 23.32 -16.63
CA SER A 254 -29.29 24.02 -15.42
C SER A 254 -28.21 23.26 -14.62
N LEU A 255 -27.46 24.01 -13.81
CA LEU A 255 -26.46 23.43 -12.92
C LEU A 255 -27.06 22.42 -11.93
N GLU A 256 -28.34 22.61 -11.62
CA GLU A 256 -29.10 21.68 -10.78
C GLU A 256 -29.40 20.39 -11.55
N GLN A 257 -29.53 20.51 -12.87
CA GLN A 257 -29.83 19.39 -13.74
C GLN A 257 -28.57 18.60 -14.14
N LYS A 258 -27.49 19.31 -14.45
CA LYS A 258 -26.23 18.67 -14.83
C LYS A 258 -25.66 17.87 -13.66
N GLN A 259 -25.88 18.34 -12.43
CA GLN A 259 -25.49 17.62 -11.21
C GLN A 259 -26.42 16.43 -10.94
N ALA A 260 -27.66 16.55 -11.40
CA ALA A 260 -28.67 15.50 -11.23
C ALA A 260 -28.30 14.28 -12.06
N ALA A 261 -28.19 14.48 -13.37
CA ALA A 261 -27.79 13.42 -14.29
C ALA A 261 -26.48 12.74 -13.87
N LYS A 262 -25.52 13.52 -13.36
CA LYS A 262 -24.21 13.00 -12.98
C LYS A 262 -24.23 12.13 -11.72
N VAL A 263 -25.24 12.31 -10.87
CA VAL A 263 -25.31 11.62 -9.58
C VAL A 263 -26.44 10.60 -9.50
N LEU A 264 -27.54 10.87 -10.21
CA LEU A 264 -28.70 9.98 -10.23
C LEU A 264 -28.52 8.73 -11.11
N SER A 265 -27.86 8.90 -12.25
CA SER A 265 -27.70 7.82 -13.24
C SER A 265 -26.78 6.68 -12.81
N ARG A 266 -26.08 6.88 -11.69
CA ARG A 266 -25.23 5.84 -11.13
C ARG A 266 -25.98 4.57 -10.70
N ALA A 267 -25.37 3.41 -10.98
CA ALA A 267 -25.75 2.16 -10.35
C ALA A 267 -24.72 1.85 -9.26
N LYS A 268 -24.75 0.65 -8.68
CA LYS A 268 -23.77 0.27 -7.67
C LYS A 268 -22.78 -0.80 -8.18
N LYS A 269 -21.56 -0.79 -7.64
CA LYS A 269 -20.51 -1.74 -8.05
C LYS A 269 -19.98 -2.56 -6.85
N THR A 270 -18.95 -3.39 -7.08
CA THR A 270 -18.44 -4.32 -6.06
C THR A 270 -16.94 -4.66 -6.24
N SER A 271 -16.20 -4.64 -5.11
CA SER A 271 -14.73 -4.88 -5.06
C SER A 271 -14.13 -5.70 -6.21
N VAL A 272 -13.74 -5.00 -7.26
CA VAL A 272 -13.27 -5.60 -8.51
C VAL A 272 -11.89 -6.31 -8.39
N ASP A 273 -11.77 -7.48 -9.00
CA ASP A 273 -10.50 -8.21 -9.05
C ASP A 273 -9.55 -7.46 -10.01
N ARG A 274 -8.68 -6.63 -9.43
CA ARG A 274 -7.78 -5.74 -10.17
C ARG A 274 -6.98 -6.41 -11.30
N GLU A 275 -6.41 -7.59 -11.00
CA GLU A 275 -5.61 -8.32 -12.00
C GLU A 275 -6.52 -8.82 -13.11
N ALA A 276 -7.74 -9.23 -12.73
CA ALA A 276 -8.73 -9.72 -13.70
C ALA A 276 -9.36 -8.57 -14.49
N LEU A 277 -9.45 -7.40 -13.89
CA LEU A 277 -10.02 -6.25 -14.56
C LEU A 277 -9.20 -5.85 -15.78
N ARG A 278 -7.90 -5.71 -15.60
CA ARG A 278 -7.05 -5.30 -16.69
C ARG A 278 -7.07 -6.28 -17.87
N ALA A 279 -7.12 -7.58 -17.57
CA ALA A 279 -7.30 -8.58 -18.61
C ALA A 279 -8.62 -8.38 -19.37
N GLU A 280 -9.67 -8.00 -18.66
CA GLU A 280 -10.93 -7.64 -19.32
C GLU A 280 -10.76 -6.46 -20.27
N TRP A 281 -10.07 -5.43 -19.80
CA TRP A 281 -9.76 -4.26 -20.61
C TRP A 281 -9.05 -4.63 -21.90
N GLN A 282 -7.98 -5.42 -21.76
CA GLN A 282 -7.21 -5.85 -22.93
C GLN A 282 -8.07 -6.58 -23.95
N ALA A 283 -8.87 -7.54 -23.48
CA ALA A 283 -9.83 -8.24 -24.34
C ALA A 283 -10.87 -7.31 -24.94
N THR A 284 -11.35 -6.34 -24.20
CA THR A 284 -12.32 -5.40 -24.77
C THR A 284 -11.66 -4.64 -25.91
N ALA A 285 -10.47 -4.11 -25.64
CA ALA A 285 -9.67 -3.38 -26.62
C ALA A 285 -9.39 -4.20 -27.88
N LYS A 286 -9.18 -5.51 -27.75
CA LYS A 286 -9.07 -6.36 -28.95
C LYS A 286 -10.39 -6.32 -29.72
N GLU A 287 -11.50 -6.61 -29.04
CA GLU A 287 -12.81 -6.61 -29.68
C GLU A 287 -13.06 -5.29 -30.43
N LEU A 288 -12.68 -4.17 -29.83
CA LEU A 288 -12.84 -2.88 -30.48
C LEU A 288 -11.82 -2.63 -31.61
N GLY A 289 -10.79 -3.46 -31.70
CA GLY A 289 -9.84 -3.37 -32.80
C GLY A 289 -8.74 -2.33 -32.60
N ILE A 290 -8.45 -2.02 -31.34
CA ILE A 290 -7.53 -0.97 -30.99
C ILE A 290 -6.09 -1.41 -31.22
N ASP A 291 -5.38 -0.62 -32.02
CA ASP A 291 -3.94 -0.76 -32.16
C ASP A 291 -3.28 0.25 -31.23
N PHE A 292 -2.69 -0.24 -30.14
CA PHE A 292 -1.87 0.58 -29.28
C PHE A 292 -0.51 0.74 -29.94
N SER A 293 -0.51 0.56 -31.26
CA SER A 293 0.66 0.60 -32.14
C SER A 293 1.65 -0.50 -31.83
N MSE C 1 8.56 -19.16 18.06
CA MSE C 1 9.43 -19.99 17.21
C MSE C 1 9.93 -19.15 16.04
O MSE C 1 9.19 -18.33 15.48
CB MSE C 1 8.66 -21.21 16.70
CG MSE C 1 9.46 -22.19 15.84
SE MSE C 1 10.97 -23.02 16.78
CE MSE C 1 10.02 -23.55 18.35
N LEU C 2 11.19 -19.36 15.69
CA LEU C 2 11.79 -18.80 14.51
C LEU C 2 12.38 -19.95 13.71
N SER C 3 11.91 -20.12 12.48
CA SER C 3 12.61 -20.98 11.53
C SER C 3 13.18 -20.15 10.40
N HIS C 4 14.20 -20.68 9.75
CA HIS C 4 14.80 -19.99 8.63
C HIS C 4 14.98 -20.90 7.44
N MSE C 5 14.94 -20.33 6.25
CA MSE C 5 15.17 -21.10 5.04
C MSE C 5 15.88 -20.23 4.01
O MSE C 5 15.49 -19.10 3.77
CB MSE C 5 13.85 -21.62 4.49
CG MSE C 5 13.92 -22.99 3.82
SE MSE C 5 12.51 -23.13 2.45
CE MSE C 5 10.92 -22.73 3.58
N VAL C 6 16.94 -20.78 3.42
CA VAL C 6 17.64 -20.12 2.33
C VAL C 6 16.86 -20.36 1.04
N LEU C 7 16.31 -19.28 0.48
CA LEU C 7 15.45 -19.35 -0.69
C LEU C 7 16.25 -19.22 -2.00
N THR C 8 15.96 -20.11 -2.95
CA THR C 8 16.67 -20.16 -4.23
C THR C 8 15.71 -19.95 -5.41
N ARG C 9 16.25 -19.85 -6.61
CA ARG C 9 15.46 -19.55 -7.82
C ARG C 9 14.19 -20.38 -7.98
N GLN C 10 14.27 -21.67 -7.61
CA GLN C 10 13.12 -22.57 -7.73
C GLN C 10 11.98 -22.25 -6.76
N ASP C 11 12.23 -21.34 -5.83
CA ASP C 11 11.25 -20.94 -4.82
C ASP C 11 10.54 -19.62 -5.15
N ILE C 12 10.89 -19.01 -6.28
CA ILE C 12 10.27 -17.75 -6.72
C ILE C 12 8.75 -17.90 -6.91
N GLY C 13 8.31 -19.13 -7.13
CA GLY C 13 6.88 -19.46 -7.16
C GLY C 13 6.32 -19.50 -5.75
N ARG C 14 6.90 -20.36 -4.90
CA ARG C 14 6.49 -20.51 -3.50
C ARG C 14 6.51 -19.19 -2.71
N ALA C 15 7.48 -18.34 -3.03
CA ALA C 15 7.66 -17.06 -2.36
C ALA C 15 6.67 -15.98 -2.82
N ALA C 16 6.11 -16.16 -4.02
CA ALA C 16 5.04 -15.29 -4.48
C ALA C 16 3.73 -15.56 -3.73
N SER C 17 3.52 -16.84 -3.39
CA SER C 17 2.35 -17.30 -2.62
C SER C 17 2.35 -16.85 -1.15
N PHE C 18 3.49 -16.33 -0.68
CA PHE C 18 3.57 -15.65 0.61
C PHE C 18 2.63 -14.45 0.65
N TYR C 19 2.46 -13.80 -0.51
CA TYR C 19 1.74 -12.52 -0.61
C TYR C 19 0.25 -12.64 -0.31
N ALA C 33 -1.65 -6.75 6.55
CA ALA C 33 -1.33 -8.18 6.36
C ALA C 33 -0.03 -8.36 5.61
N SER C 34 0.52 -7.24 5.13
CA SER C 34 1.76 -7.23 4.37
C SER C 34 2.50 -5.91 4.59
N GLU C 35 3.82 -5.95 4.75
CA GLU C 35 4.57 -4.74 5.13
C GLU C 35 6.06 -4.82 4.78
N TRP C 36 6.58 -3.74 4.21
CA TRP C 36 8.01 -3.60 3.99
C TRP C 36 8.67 -3.24 5.30
N GLN C 37 9.94 -3.61 5.47
CA GLN C 37 10.74 -3.13 6.59
C GLN C 37 12.20 -3.08 6.21
N GLY C 38 12.91 -2.12 6.78
CA GLY C 38 14.36 -2.06 6.60
C GLY C 38 14.88 -0.74 6.07
N LYS C 39 16.10 -0.41 6.49
CA LYS C 39 16.82 0.74 5.98
C LYS C 39 17.11 0.59 4.49
N GLY C 40 17.29 -0.65 4.03
CA GLY C 40 17.46 -0.94 2.62
C GLY C 40 16.18 -0.66 1.85
N ALA C 41 15.04 -0.95 2.47
CA ALA C 41 13.75 -0.72 1.84
C ALA C 41 13.47 0.79 1.63
N GLU C 42 13.75 1.62 2.64
CA GLU C 42 13.59 3.08 2.54
C GLU C 42 14.49 3.69 1.47
N GLU C 43 15.71 3.17 1.36
CA GLU C 43 16.64 3.57 0.31
C GLU C 43 16.12 3.20 -1.09
N LEU C 44 15.15 2.30 -1.17
CA LEU C 44 14.52 1.99 -2.46
C LEU C 44 13.12 2.59 -2.56
N GLY C 45 12.75 3.41 -1.59
CA GLY C 45 11.42 4.00 -1.55
C GLY C 45 10.28 3.01 -1.36
N LEU C 46 10.58 1.90 -0.69
CA LEU C 46 9.57 0.90 -0.38
C LEU C 46 9.13 1.06 1.08
N SER C 47 7.85 1.39 1.27
CA SER C 47 7.24 1.45 2.61
C SER C 47 5.77 1.03 2.56
N GLY C 48 5.23 0.68 3.71
CA GLY C 48 3.87 0.17 3.80
C GLY C 48 3.66 -1.14 3.05
N GLU C 49 2.46 -1.28 2.48
CA GLU C 49 2.02 -2.50 1.82
C GLU C 49 3.00 -2.96 0.74
N VAL C 50 3.17 -4.27 0.61
CA VAL C 50 4.09 -4.83 -0.40
C VAL C 50 3.35 -5.02 -1.72
N ASP C 51 3.92 -4.47 -2.80
CA ASP C 51 3.44 -4.77 -4.14
C ASP C 51 4.12 -6.04 -4.61
N SER C 52 3.31 -7.04 -4.99
CA SER C 52 3.81 -8.38 -5.30
C SER C 52 4.63 -8.44 -6.60
N LYS C 53 4.46 -7.43 -7.45
CA LYS C 53 5.18 -7.35 -8.71
C LYS C 53 6.58 -6.82 -8.48
N ARG C 54 6.66 -5.77 -7.67
CA ARG C 54 7.94 -5.24 -7.18
C ARG C 54 8.71 -6.33 -6.40
N PHE C 55 7.97 -7.13 -5.63
CA PHE C 55 8.55 -8.18 -4.82
C PHE C 55 9.13 -9.29 -5.68
N ARG C 56 8.42 -9.67 -6.74
CA ARG C 56 8.95 -10.59 -7.76
C ARG C 56 10.22 -10.06 -8.43
N GLU C 57 10.17 -8.81 -8.92
CA GLU C 57 11.36 -8.12 -9.44
C GLU C 57 12.54 -8.25 -8.46
N LEU C 58 12.32 -7.83 -7.21
CA LEU C 58 13.34 -7.89 -6.16
C LEU C 58 13.88 -9.29 -5.88
N LEU C 59 13.00 -10.29 -5.83
CA LEU C 59 13.47 -11.67 -5.66
C LEU C 59 14.43 -12.08 -6.77
N ALA C 60 14.17 -11.58 -7.98
CA ALA C 60 14.95 -11.92 -9.18
C ALA C 60 16.26 -11.13 -9.34
N GLY C 61 16.46 -10.12 -8.48
CA GLY C 61 17.67 -9.29 -8.53
C GLY C 61 17.49 -7.95 -9.24
N ASN C 62 16.28 -7.67 -9.70
CA ASN C 62 15.97 -6.37 -10.31
C ASN C 62 15.58 -5.33 -9.28
N ILE C 63 16.60 -4.64 -8.78
CA ILE C 63 16.46 -3.48 -7.89
C ILE C 63 15.72 -2.33 -8.59
N GLY C 64 15.77 -2.32 -9.92
CA GLY C 64 15.01 -1.37 -10.73
C GLY C 64 15.68 -0.02 -10.86
N GLU C 65 14.86 1.01 -11.11
CA GLU C 65 15.31 2.40 -11.24
C GLU C 65 16.67 2.57 -11.95
N GLY C 66 16.84 1.88 -13.08
CA GLY C 66 18.09 1.91 -13.84
C GLY C 66 19.29 1.39 -13.06
N HIS C 67 19.30 0.07 -12.84
CA HIS C 67 20.43 -0.62 -12.19
C HIS C 67 20.63 -1.94 -12.89
N ARG C 68 21.87 -2.42 -12.94
CA ARG C 68 22.15 -3.74 -13.51
C ARG C 68 21.55 -4.83 -12.63
N ILE C 69 21.12 -5.91 -13.27
CA ILE C 69 20.64 -7.09 -12.55
C ILE C 69 21.76 -7.58 -11.61
N MSE C 70 21.39 -7.84 -10.36
CA MSE C 70 22.34 -8.23 -9.31
C MSE C 70 22.74 -9.71 -9.39
O MSE C 70 22.15 -10.50 -10.13
CB MSE C 70 21.76 -7.92 -7.94
CG MSE C 70 21.41 -6.45 -7.69
SE MSE C 70 20.73 -6.17 -5.88
CE MSE C 70 22.24 -6.82 -4.88
N ARG C 71 23.74 -10.07 -8.59
CA ARG C 71 24.17 -11.46 -8.42
C ARG C 71 24.57 -12.15 -9.74
N SER C 72 25.09 -11.37 -10.69
CA SER C 72 25.53 -11.92 -11.98
C SER C 72 26.74 -12.83 -11.83
N ALA C 73 27.51 -12.63 -10.76
CA ALA C 73 28.70 -13.42 -10.48
C ALA C 73 28.39 -14.81 -9.90
N THR C 74 27.11 -15.21 -9.94
CA THR C 74 26.66 -16.52 -9.48
C THR C 74 27.17 -17.61 -10.41
N ARG C 75 27.80 -18.63 -9.85
CA ARG C 75 28.27 -19.80 -10.62
C ARG C 75 27.08 -20.60 -11.14
N GLN C 76 27.15 -20.99 -12.42
CA GLN C 76 26.02 -21.70 -13.07
C GLN C 76 25.77 -23.09 -12.51
N ASP C 77 26.82 -23.76 -12.01
CA ASP C 77 26.64 -25.03 -11.32
C ASP C 77 25.92 -24.83 -9.98
N SER C 78 26.20 -23.70 -9.32
CA SER C 78 25.60 -23.32 -8.03
C SER C 78 24.22 -22.70 -8.21
N LYS C 79 23.44 -22.68 -7.13
CA LYS C 79 22.07 -22.13 -7.15
C LYS C 79 22.06 -20.65 -6.78
N GLU C 80 21.26 -19.85 -7.49
CA GLU C 80 21.17 -18.43 -7.17
C GLU C 80 20.20 -18.21 -6.00
N ARG C 81 20.63 -17.41 -5.03
CA ARG C 81 19.89 -17.22 -3.79
C ARG C 81 18.98 -16.02 -3.90
N ILE C 82 17.67 -16.24 -3.82
CA ILE C 82 16.70 -15.17 -3.99
C ILE C 82 16.30 -14.44 -2.71
N GLY C 83 16.68 -15.00 -1.56
CA GLY C 83 16.34 -14.44 -0.27
C GLY C 83 16.61 -15.41 0.86
N LEU C 84 16.21 -15.00 2.06
CA LEU C 84 16.33 -15.80 3.26
C LEU C 84 15.04 -15.57 4.04
N ASP C 85 14.29 -16.64 4.24
CA ASP C 85 13.00 -16.58 4.90
C ASP C 85 13.14 -16.82 6.38
N LEU C 86 12.65 -15.86 7.18
CA LEU C 86 12.57 -16.00 8.62
C LEU C 86 11.10 -16.06 9.01
N THR C 87 10.65 -17.23 9.50
CA THR C 87 9.24 -17.40 9.87
C THR C 87 9.07 -17.35 11.38
N PHE C 88 8.21 -16.44 11.84
CA PHE C 88 7.97 -16.20 13.26
C PHE C 88 6.60 -16.70 13.61
N SER C 89 6.52 -17.66 14.53
CA SER C 89 5.25 -18.27 14.88
C SER C 89 4.93 -18.09 16.35
N ALA C 90 3.76 -17.55 16.64
CA ALA C 90 3.32 -17.34 18.01
C ALA C 90 3.04 -18.69 18.69
N PRO C 91 3.12 -18.75 20.05
CA PRO C 91 2.64 -19.93 20.80
C PRO C 91 1.16 -20.18 20.50
N LYS C 92 0.71 -21.42 20.64
CA LYS C 92 -0.64 -21.78 20.25
C LYS C 92 -1.69 -20.98 20.98
N SER C 93 -1.52 -20.84 22.30
CA SER C 93 -2.50 -20.11 23.08
C SER C 93 -2.56 -18.65 22.62
N VAL C 94 -1.46 -18.12 22.10
CA VAL C 94 -1.47 -16.73 21.66
C VAL C 94 -2.25 -16.61 20.33
N SER C 95 -2.03 -17.55 19.41
CA SER C 95 -2.83 -17.69 18.22
C SER C 95 -4.32 -17.83 18.54
N LEU C 96 -4.65 -18.62 19.56
CA LEU C 96 -6.01 -18.78 20.03
C LEU C 96 -6.69 -17.48 20.50
N GLN C 97 -6.03 -16.73 21.38
CA GLN C 97 -6.60 -15.47 21.88
C GLN C 97 -6.74 -14.41 20.78
N ALA C 98 -5.81 -14.41 19.83
CA ALA C 98 -5.83 -13.46 18.72
C ALA C 98 -6.91 -13.76 17.70
N LEU C 99 -7.05 -15.04 17.35
CA LEU C 99 -7.80 -15.44 16.17
C LEU C 99 -9.15 -16.04 16.52
N VAL C 100 -9.24 -16.73 17.65
CA VAL C 100 -10.50 -17.36 18.03
C VAL C 100 -11.30 -16.38 18.84
N ALA C 101 -10.80 -16.00 20.02
CA ALA C 101 -11.43 -14.93 20.83
C ALA C 101 -11.46 -13.58 20.13
N GLY C 102 -10.50 -13.33 19.24
CA GLY C 102 -10.52 -12.16 18.38
C GLY C 102 -10.01 -10.87 19.00
N ASP C 103 -8.82 -10.91 19.61
CA ASP C 103 -8.20 -9.71 20.16
C ASP C 103 -7.14 -9.11 19.24
N ALA C 104 -7.52 -8.05 18.51
CA ALA C 104 -6.64 -7.34 17.57
C ALA C 104 -5.31 -6.89 18.19
N GLU C 105 -5.34 -6.62 19.50
CA GLU C 105 -4.16 -6.19 20.25
C GLU C 105 -3.08 -7.27 20.31
N ILE C 106 -3.46 -8.54 20.53
CA ILE C 106 -2.55 -9.66 20.42
C ILE C 106 -1.82 -9.64 19.07
N ILE C 107 -2.58 -9.40 18.00
CA ILE C 107 -2.01 -9.37 16.65
C ILE C 107 -0.96 -8.29 16.56
N LYS C 108 -1.31 -7.10 17.07
CA LYS C 108 -0.41 -5.96 17.08
C LYS C 108 0.88 -6.30 17.86
N ALA C 109 0.71 -6.94 19.02
CA ALA C 109 1.82 -7.40 19.84
C ALA C 109 2.74 -8.35 19.09
N HIS C 110 2.16 -9.29 18.33
CA HIS C 110 2.95 -10.18 17.48
C HIS C 110 3.72 -9.42 16.40
N ASP C 111 3.04 -8.50 15.71
CA ASP C 111 3.66 -7.68 14.68
C ASP C 111 4.86 -6.86 15.19
N ARG C 112 4.75 -6.35 16.42
CA ARG C 112 5.82 -5.55 17.03
C ARG C 112 7.01 -6.42 17.39
N ALA C 113 6.72 -7.59 17.96
CA ALA C 113 7.76 -8.55 18.31
C ALA C 113 8.58 -8.87 17.06
N VAL C 114 7.91 -9.04 15.93
CA VAL C 114 8.58 -9.35 14.67
C VAL C 114 9.48 -8.19 14.20
N ALA C 115 8.91 -6.98 14.15
CA ALA C 115 9.64 -5.76 13.73
C ALA C 115 10.88 -5.49 14.57
N ARG C 116 10.80 -5.73 15.88
CA ARG C 116 11.95 -5.50 16.74
C ARG C 116 13.01 -6.58 16.55
N THR C 117 12.58 -7.83 16.38
CA THR C 117 13.55 -8.90 16.09
C THR C 117 14.29 -8.58 14.79
N LEU C 118 13.56 -8.08 13.79
CA LEU C 118 14.18 -7.79 12.48
C LEU C 118 15.17 -6.62 12.48
N GLU C 119 14.99 -5.67 13.40
CA GLU C 119 15.99 -4.63 13.62
C GLU C 119 17.31 -5.22 14.12
N GLN C 120 17.23 -6.28 14.91
CA GLN C 120 18.44 -6.96 15.37
C GLN C 120 19.05 -7.83 14.27
N ALA C 121 18.22 -8.46 13.44
CA ALA C 121 18.73 -9.12 12.22
C ALA C 121 19.35 -8.11 11.25
N GLU C 122 18.74 -6.94 11.09
CA GLU C 122 19.29 -5.89 10.25
C GLU C 122 20.69 -5.45 10.73
N ALA C 123 20.83 -5.21 12.04
CA ALA C 123 22.12 -4.87 12.64
C ALA C 123 23.24 -5.82 12.21
N ARG C 124 22.88 -7.05 11.86
CA ARG C 124 23.83 -8.08 11.47
C ARG C 124 23.95 -8.28 9.95
N ALA C 125 23.39 -7.36 9.17
CA ALA C 125 23.52 -7.39 7.71
C ALA C 125 24.97 -7.12 7.30
N GLN C 126 25.51 -8.01 6.47
CA GLN C 126 26.91 -7.92 6.05
C GLN C 126 27.10 -8.17 4.54
N ALA C 127 28.25 -7.72 4.05
CA ALA C 127 28.58 -7.83 2.62
C ALA C 127 30.07 -7.90 2.49
N ARG C 128 30.54 -8.23 1.29
CA ARG C 128 31.97 -8.41 1.03
C ARG C 128 32.45 -7.44 -0.04
N GLN C 129 33.75 -7.17 0.00
CA GLN C 129 34.38 -6.26 -0.95
C GLN C 129 35.83 -6.68 -1.18
N LYS C 130 36.16 -6.88 -2.45
CA LYS C 130 37.51 -7.15 -2.88
C LYS C 130 38.11 -5.83 -3.35
N ILE C 131 39.18 -5.40 -2.68
CA ILE C 131 39.95 -4.21 -3.09
C ILE C 131 41.40 -4.62 -3.31
N GLN C 132 41.78 -4.79 -4.58
CA GLN C 132 43.09 -5.36 -4.97
C GLN C 132 43.30 -6.71 -4.28
N GLY C 133 42.50 -7.70 -4.66
CA GLY C 133 42.62 -9.06 -4.10
C GLY C 133 42.34 -9.18 -2.61
N LYS C 134 42.43 -8.07 -1.89
CA LYS C 134 42.18 -8.05 -0.46
C LYS C 134 40.67 -8.02 -0.12
N THR C 135 40.09 -9.20 0.06
CA THR C 135 38.69 -9.36 0.43
C THR C 135 38.44 -9.01 1.90
N ARG C 136 37.53 -8.06 2.14
CA ARG C 136 37.12 -7.72 3.50
C ARG C 136 35.59 -7.84 3.69
N ILE C 137 35.17 -8.04 4.93
CA ILE C 137 33.76 -8.14 5.30
C ILE C 137 33.28 -6.82 5.87
N GLU C 138 32.13 -6.36 5.41
CA GLU C 138 31.61 -5.07 5.82
C GLU C 138 30.22 -5.23 6.47
N THR C 139 30.02 -4.57 7.60
CA THR C 139 28.71 -4.54 8.25
C THR C 139 27.90 -3.38 7.68
N THR C 140 26.89 -3.71 6.87
CA THR C 140 26.09 -2.71 6.19
C THR C 140 24.97 -2.15 7.05
N GLY C 141 24.34 -3.03 7.84
CA GLY C 141 23.21 -2.65 8.70
C GLY C 141 21.97 -2.19 7.95
N ASN C 142 21.79 -2.71 6.74
CA ASN C 142 20.59 -2.38 5.98
C ASN C 142 20.05 -3.61 5.26
N LEU C 143 18.73 -3.74 5.25
CA LEU C 143 18.10 -4.89 4.65
C LEU C 143 16.79 -4.48 4.00
N VAL C 144 16.30 -5.32 3.11
CA VAL C 144 15.03 -5.11 2.46
C VAL C 144 14.18 -6.32 2.79
N ILE C 145 13.03 -6.08 3.42
CA ILE C 145 12.22 -7.19 3.93
C ILE C 145 10.76 -7.05 3.59
N GLY C 146 10.22 -8.09 2.97
CA GLY C 146 8.78 -8.24 2.85
C GLY C 146 8.25 -9.07 4.01
N LYS C 147 7.28 -8.52 4.72
CA LYS C 147 6.64 -9.26 5.82
C LYS C 147 5.25 -9.67 5.40
N PHE C 148 4.94 -10.95 5.58
CA PHE C 148 3.63 -11.47 5.24
C PHE C 148 3.03 -12.17 6.45
N ARG C 149 1.89 -11.70 6.93
CA ARG C 149 1.27 -12.38 8.07
C ARG C 149 0.21 -13.39 7.63
N HIS C 150 0.17 -14.54 8.30
CA HIS C 150 -0.81 -15.58 8.02
C HIS C 150 -1.41 -16.12 9.30
N GLU C 151 -2.55 -16.79 9.17
CA GLU C 151 -3.31 -17.18 10.35
C GLU C 151 -3.62 -18.65 10.53
N THR C 152 -3.35 -19.48 9.53
CA THR C 152 -3.74 -20.89 9.65
C THR C 152 -2.56 -21.82 9.45
N SER C 153 -2.65 -23.01 10.03
CA SER C 153 -1.70 -24.09 9.77
C SER C 153 -2.16 -24.88 8.55
N ARG C 154 -1.33 -25.81 8.07
CA ARG C 154 -1.74 -26.69 6.98
C ARG C 154 -2.98 -27.53 7.32
N GLU C 155 -3.20 -27.79 8.62
CA GLU C 155 -4.38 -28.53 9.05
C GLU C 155 -5.52 -27.59 9.49
N ARG C 156 -5.47 -26.36 8.98
CA ARG C 156 -6.45 -25.30 9.26
C ARG C 156 -6.70 -24.94 10.73
N ASP C 157 -5.71 -25.23 11.58
CA ASP C 157 -5.73 -24.76 12.97
C ASP C 157 -5.37 -23.28 13.04
N PRO C 158 -5.79 -22.57 14.10
CA PRO C 158 -5.32 -21.19 14.29
C PRO C 158 -3.80 -21.18 14.49
N GLN C 159 -3.10 -20.33 13.74
CA GLN C 159 -1.64 -20.36 13.73
C GLN C 159 -1.08 -19.01 13.25
N LEU C 160 -0.95 -18.10 14.20
CA LEU C 160 -0.44 -16.77 13.96
C LEU C 160 1.06 -16.81 13.63
N HIS C 161 1.39 -16.53 12.38
CA HIS C 161 2.77 -16.48 11.98
C HIS C 161 3.04 -15.46 10.89
N THR C 162 4.32 -15.13 10.72
CA THR C 162 4.73 -14.13 9.77
C THR C 162 5.97 -14.63 9.07
N HIS C 163 5.93 -14.61 7.74
CA HIS C 163 7.10 -14.89 6.93
C HIS C 163 7.73 -13.55 6.69
N ALA C 164 8.99 -13.42 7.10
CA ALA C 164 9.72 -12.20 6.84
C ALA C 164 10.79 -12.57 5.85
N VAL C 165 10.54 -12.28 4.59
CA VAL C 165 11.50 -12.63 3.53
C VAL C 165 12.54 -11.53 3.41
N ILE C 166 13.77 -11.87 3.76
CA ILE C 166 14.88 -10.95 3.63
C ILE C 166 15.43 -11.17 2.25
N LEU C 167 15.46 -10.09 1.48
CA LEU C 167 15.95 -10.13 0.11
C LEU C 167 17.48 -10.16 0.08
N ASN C 168 18.02 -11.02 -0.78
CA ASN C 168 19.46 -11.22 -0.87
C ASN C 168 20.17 -10.03 -1.53
N MSE C 169 20.07 -8.88 -0.87
CA MSE C 169 20.63 -7.63 -1.34
C MSE C 169 20.90 -6.68 -0.15
O MSE C 169 20.13 -6.66 0.81
CB MSE C 169 19.67 -6.97 -2.33
CG MSE C 169 18.31 -6.61 -1.74
SE MSE C 169 17.02 -5.93 -2.99
CE MSE C 169 17.17 -7.33 -4.35
N THR C 170 21.98 -5.91 -0.22
CA THR C 170 22.31 -4.92 0.81
C THR C 170 23.19 -3.80 0.24
N LYS C 171 22.96 -2.57 0.68
CA LYS C 171 23.75 -1.45 0.19
C LYS C 171 25.03 -1.24 1.00
N ARG C 172 26.18 -1.42 0.36
CA ARG C 172 27.48 -1.12 0.99
C ARG C 172 27.69 0.39 1.16
N SER C 173 28.76 0.74 1.87
CA SER C 173 29.10 2.14 2.14
C SER C 173 29.44 2.89 0.87
N ASP C 174 30.23 2.26 0.00
CA ASP C 174 30.62 2.86 -1.28
C ASP C 174 29.42 3.16 -2.20
N GLY C 175 28.28 2.56 -1.89
CA GLY C 175 27.03 2.82 -2.62
C GLY C 175 26.59 1.68 -3.52
N GLN C 176 27.42 0.63 -3.59
CA GLN C 176 27.12 -0.57 -4.38
C GLN C 176 26.16 -1.54 -3.66
N TRP C 177 25.25 -2.12 -4.43
CA TRP C 177 24.32 -3.12 -3.93
C TRP C 177 24.90 -4.48 -4.20
N ARG C 178 24.97 -5.33 -3.17
CA ARG C 178 25.54 -6.67 -3.34
C ARG C 178 24.72 -7.72 -2.61
N ALA C 179 24.98 -8.98 -2.94
CA ALA C 179 24.44 -10.09 -2.20
C ALA C 179 24.71 -9.94 -0.71
N LEU C 180 23.73 -10.36 0.09
CA LEU C 180 23.86 -10.37 1.54
C LEU C 180 24.71 -11.57 1.97
N LYS C 181 25.80 -11.32 2.70
CA LYS C 181 26.54 -12.41 3.34
C LYS C 181 25.76 -12.79 4.60
N ASN C 182 24.97 -13.86 4.49
CA ASN C 182 23.94 -14.17 5.49
C ASN C 182 24.41 -14.82 6.80
N ASP C 183 25.71 -15.12 6.89
CA ASP C 183 26.29 -15.80 8.05
C ASP C 183 25.77 -15.30 9.39
N GLU C 184 25.91 -14.01 9.67
CA GLU C 184 25.58 -13.47 11.00
C GLU C 184 24.11 -13.58 11.38
N ILE C 185 23.22 -13.72 10.40
CA ILE C 185 21.81 -13.87 10.69
C ILE C 185 21.46 -15.35 10.80
N VAL C 186 21.92 -16.15 9.84
CA VAL C 186 21.65 -17.59 9.89
C VAL C 186 22.16 -18.21 11.21
N LYS C 187 23.38 -17.91 11.60
CA LYS C 187 23.92 -18.47 12.84
C LYS C 187 23.48 -17.77 14.13
N ALA C 188 22.46 -16.92 14.05
CA ALA C 188 21.93 -16.26 15.24
C ALA C 188 20.42 -16.49 15.37
N THR C 189 19.93 -17.47 14.62
CA THR C 189 18.54 -17.87 14.65
C THR C 189 18.00 -18.16 16.05
N ARG C 190 18.75 -18.91 16.85
CA ARG C 190 18.34 -19.26 18.21
C ARG C 190 18.28 -18.00 19.09
N TYR C 191 19.26 -17.13 18.96
CA TYR C 191 19.23 -15.86 19.67
C TYR C 191 18.04 -15.01 19.25
N LEU C 192 17.79 -14.93 17.95
CA LEU C 192 16.73 -14.09 17.43
C LEU C 192 15.36 -14.62 17.86
N GLY C 193 15.20 -15.94 17.90
CA GLY C 193 13.99 -16.54 18.41
C GLY C 193 13.72 -16.15 19.85
N ALA C 194 14.79 -16.08 20.63
CA ALA C 194 14.75 -15.56 22.01
C ALA C 194 14.23 -14.11 22.08
N VAL C 195 14.74 -13.25 21.19
CA VAL C 195 14.31 -11.85 21.13
C VAL C 195 12.80 -11.77 20.84
N TYR C 196 12.33 -12.61 19.91
CA TYR C 196 10.93 -12.60 19.54
C TYR C 196 10.06 -12.98 20.72
N ASN C 197 10.41 -14.07 21.42
CA ASN C 197 9.62 -14.47 22.60
C ASN C 197 9.63 -13.43 23.71
N ALA C 198 10.78 -12.84 23.96
CA ALA C 198 10.89 -11.86 25.02
C ALA C 198 10.01 -10.65 24.72
N GLU C 199 10.09 -10.14 23.50
CA GLU C 199 9.28 -9.02 23.07
C GLU C 199 7.79 -9.33 23.13
N LEU C 200 7.42 -10.50 22.62
CA LEU C 200 6.02 -10.89 22.63
C LEU C 200 5.54 -11.05 24.06
N ALA C 201 6.31 -11.75 24.89
CA ALA C 201 5.95 -11.98 26.29
C ALA C 201 5.69 -10.66 27.00
N HIS C 202 6.60 -9.71 26.82
CA HIS C 202 6.53 -8.42 27.47
C HIS C 202 5.32 -7.59 26.99
N GLU C 203 5.01 -7.62 25.69
CA GLU C 203 3.81 -6.96 25.16
C GLU C 203 2.55 -7.50 25.83
N LEU C 204 2.38 -8.82 25.80
CA LEU C 204 1.19 -9.47 26.36
C LEU C 204 1.03 -9.17 27.86
N GLN C 205 2.15 -9.00 28.55
CA GLN C 205 2.12 -8.66 29.98
C GLN C 205 1.68 -7.22 30.18
N LYS C 206 2.20 -6.30 29.37
CA LYS C 206 1.68 -4.93 29.36
C LYS C 206 0.16 -4.87 29.13
N LEU C 207 -0.40 -5.75 28.31
CA LEU C 207 -1.86 -5.81 28.13
C LEU C 207 -2.56 -6.57 29.24
N GLY C 208 -1.84 -6.92 30.30
CA GLY C 208 -2.46 -7.59 31.44
C GLY C 208 -2.69 -9.09 31.34
N TYR C 209 -2.09 -9.75 30.35
CA TYR C 209 -2.17 -11.22 30.29
C TYR C 209 -1.16 -11.85 31.21
N GLN C 210 -1.57 -12.97 31.81
CA GLN C 210 -0.77 -13.75 32.74
C GLN C 210 -0.19 -14.92 31.95
N LEU C 211 1.09 -15.26 32.20
CA LEU C 211 1.81 -16.26 31.40
C LEU C 211 2.16 -17.52 32.17
N ARG C 212 2.42 -18.60 31.44
CA ARG C 212 2.87 -19.90 31.98
C ARG C 212 4.11 -20.35 31.19
N TYR C 213 5.05 -21.04 31.83
CA TYR C 213 6.33 -21.26 31.17
C TYR C 213 6.65 -22.71 30.87
N GLY C 214 7.28 -22.94 29.73
CA GLY C 214 7.50 -24.29 29.22
C GLY C 214 8.91 -24.52 28.75
N LYS C 215 9.79 -23.60 29.12
CA LYS C 215 11.23 -23.81 28.96
C LYS C 215 11.74 -24.18 27.56
N ASP C 216 12.10 -23.13 26.83
CA ASP C 216 13.33 -23.00 26.05
C ASP C 216 13.23 -21.50 25.83
N GLY C 217 12.55 -20.87 26.80
CA GLY C 217 12.09 -19.49 26.66
C GLY C 217 10.63 -19.43 26.26
N ASN C 218 10.04 -20.60 26.05
CA ASN C 218 8.66 -20.70 25.59
C ASN C 218 7.63 -20.46 26.68
N PHE C 219 6.49 -19.94 26.26
CA PHE C 219 5.42 -19.60 27.17
C PHE C 219 4.07 -19.78 26.49
N ASP C 220 3.01 -19.69 27.28
CA ASP C 220 1.66 -19.67 26.79
C ASP C 220 0.84 -18.84 27.77
N LEU C 221 -0.34 -18.39 27.33
CA LEU C 221 -1.30 -17.75 28.22
C LEU C 221 -1.65 -18.71 29.34
N ALA C 222 -1.51 -18.24 30.58
CA ALA C 222 -1.69 -19.05 31.78
C ALA C 222 -3.05 -19.75 31.85
N HIS C 223 -4.10 -19.12 31.32
CA HIS C 223 -5.46 -19.66 31.44
C HIS C 223 -5.87 -20.64 30.32
N ILE C 224 -4.94 -21.04 29.46
CA ILE C 224 -5.19 -22.04 28.44
C ILE C 224 -4.18 -23.15 28.67
N ASP C 225 -4.67 -24.36 28.92
CA ASP C 225 -3.80 -25.44 29.33
C ASP C 225 -3.42 -26.44 28.22
N ARG C 226 -2.63 -27.42 28.59
CA ARG C 226 -1.98 -28.32 27.65
C ARG C 226 -2.97 -29.13 26.77
N GLN C 227 -4.06 -29.62 27.35
CA GLN C 227 -5.05 -30.41 26.59
C GLN C 227 -5.77 -29.54 25.55
N GLN C 228 -5.97 -28.28 25.90
CA GLN C 228 -6.66 -27.33 25.05
C GLN C 228 -5.78 -26.86 23.90
N ILE C 229 -4.47 -26.79 24.14
CA ILE C 229 -3.48 -26.45 23.12
C ILE C 229 -3.41 -27.61 22.13
N GLU C 230 -3.39 -28.84 22.64
CA GLU C 230 -3.26 -30.01 21.78
C GLU C 230 -4.45 -30.16 20.82
N GLY C 231 -5.66 -29.88 21.32
CA GLY C 231 -6.86 -29.83 20.49
C GLY C 231 -6.74 -28.96 19.25
N PHE C 232 -5.79 -28.03 19.25
CA PHE C 232 -5.65 -27.07 18.18
C PHE C 232 -4.28 -27.18 17.55
N SER C 233 -3.59 -28.30 17.82
CA SER C 233 -2.26 -28.53 17.24
C SER C 233 -2.24 -29.83 16.46
N LYS C 234 -3.01 -29.91 15.38
CA LYS C 234 -3.08 -31.16 14.62
C LYS C 234 -1.74 -31.58 14.01
N ARG C 235 -0.99 -30.64 13.43
CA ARG C 235 0.32 -30.96 12.87
C ARG C 235 1.28 -31.54 13.89
N THR C 236 1.31 -30.98 15.11
CA THR C 236 2.10 -31.52 16.23
C THR C 236 1.78 -33.02 16.48
N GLU C 237 0.49 -33.32 16.58
CA GLU C 237 -0.02 -34.67 16.71
C GLU C 237 0.50 -35.58 15.59
N GLN C 238 0.54 -35.05 14.37
CA GLN C 238 1.02 -35.83 13.23
C GLN C 238 2.52 -36.12 13.30
N ILE C 239 3.30 -35.10 13.68
CA ILE C 239 4.74 -35.24 13.84
C ILE C 239 5.02 -36.25 14.95
N ALA C 240 4.30 -36.13 16.06
CA ALA C 240 4.48 -37.06 17.19
C ALA C 240 4.27 -38.50 16.74
N GLU C 241 3.17 -38.76 16.05
CA GLU C 241 2.83 -40.11 15.62
C GLU C 241 3.92 -40.70 14.72
N TRP C 242 4.36 -39.94 13.72
CA TRP C 242 5.40 -40.38 12.82
C TRP C 242 6.64 -40.87 13.55
N TYR C 243 6.92 -40.32 14.73
CA TYR C 243 8.06 -40.75 15.52
C TYR C 243 7.83 -42.14 16.07
N ALA C 244 6.72 -42.35 16.78
CA ALA C 244 6.34 -43.69 17.28
C ALA C 244 6.30 -44.75 16.14
N ALA C 245 5.82 -44.33 14.97
CA ALA C 245 5.73 -45.19 13.79
C ALA C 245 7.10 -45.63 13.28
N ARG C 246 8.02 -44.67 13.12
CA ARG C 246 9.38 -44.98 12.70
C ARG C 246 10.21 -45.49 13.87
N GLY C 247 9.59 -45.62 15.06
CA GLY C 247 10.28 -46.03 16.28
C GLY C 247 11.29 -45.02 16.80
N LEU C 248 11.53 -43.96 16.01
CA LEU C 248 12.44 -42.86 16.35
C LEU C 248 12.08 -42.12 17.63
N ASP C 249 12.91 -41.15 18.02
CA ASP C 249 12.78 -40.51 19.32
C ASP C 249 12.69 -38.97 19.24
N PRO C 250 11.69 -38.37 19.93
CA PRO C 250 11.46 -36.92 19.88
C PRO C 250 12.66 -36.10 20.37
N ASN C 251 13.30 -36.58 21.43
CA ASN C 251 14.42 -35.88 22.07
C ASN C 251 15.70 -35.96 21.23
N SER C 252 16.14 -37.18 20.92
CA SER C 252 17.32 -37.37 20.10
C SER C 252 16.94 -37.76 18.67
N VAL C 253 17.16 -36.84 17.74
CA VAL C 253 16.95 -37.07 16.30
C VAL C 253 17.78 -36.09 15.48
N SER C 254 18.15 -36.50 14.26
CA SER C 254 18.98 -35.68 13.38
C SER C 254 18.18 -34.58 12.70
N LEU C 255 18.87 -33.69 11.97
CA LEU C 255 18.22 -32.69 11.12
C LEU C 255 17.51 -33.35 9.94
N GLU C 256 18.04 -34.50 9.50
CA GLU C 256 17.48 -35.22 8.36
C GLU C 256 16.29 -36.10 8.78
N GLN C 257 16.27 -36.51 10.04
CA GLN C 257 15.16 -37.30 10.58
C GLN C 257 14.04 -36.42 11.12
N LYS C 258 14.40 -35.21 11.54
CA LYS C 258 13.42 -34.23 12.02
C LYS C 258 12.67 -33.62 10.83
N GLN C 259 13.38 -33.37 9.73
CA GLN C 259 12.76 -32.84 8.51
C GLN C 259 11.93 -33.90 7.78
N ALA C 260 12.21 -35.17 8.06
CA ALA C 260 11.45 -36.28 7.49
C ALA C 260 10.04 -36.33 8.08
N ALA C 261 9.98 -36.40 9.40
CA ALA C 261 8.72 -36.45 10.15
C ALA C 261 7.85 -35.19 10.00
N LYS C 262 8.35 -34.20 9.27
CA LYS C 262 7.59 -32.98 9.03
C LYS C 262 7.04 -32.94 7.61
N VAL C 263 7.87 -33.32 6.65
CA VAL C 263 7.48 -33.27 5.23
C VAL C 263 6.61 -34.47 4.86
N LEU C 264 7.05 -35.66 5.24
CA LEU C 264 6.36 -36.89 4.87
C LEU C 264 5.08 -37.10 5.66
N SER C 265 5.04 -36.64 6.91
CA SER C 265 3.83 -36.72 7.74
C SER C 265 2.72 -35.79 7.26
N ARG C 266 3.10 -34.79 6.46
CA ARG C 266 2.17 -33.78 5.96
C ARG C 266 1.11 -34.41 5.06
N ALA C 267 -0.11 -34.55 5.59
CA ALA C 267 -1.27 -34.96 4.80
C ALA C 267 -1.71 -33.83 3.84
N LYS C 268 -2.43 -34.18 2.78
CA LYS C 268 -2.80 -33.19 1.77
C LYS C 268 -4.13 -32.52 2.10
N LYS C 269 -4.18 -31.21 1.92
CA LYS C 269 -5.32 -30.41 2.36
C LYS C 269 -6.12 -29.86 1.18
N THR C 270 -7.11 -29.02 1.51
CA THR C 270 -7.99 -28.37 0.54
C THR C 270 -8.18 -26.91 0.93
N SER C 271 -8.94 -26.19 0.10
CA SER C 271 -9.35 -24.81 0.40
C SER C 271 -10.28 -24.79 1.60
N VAL C 272 -10.71 -23.59 1.96
CA VAL C 272 -11.37 -23.40 3.23
C VAL C 272 -12.30 -22.17 3.19
N ASP C 273 -13.55 -22.39 3.56
CA ASP C 273 -14.52 -21.31 3.73
C ASP C 273 -14.14 -20.54 5.00
N ARG C 274 -13.53 -19.38 4.82
CA ARG C 274 -12.89 -18.66 5.92
C ARG C 274 -13.83 -18.07 6.99
N GLU C 275 -14.99 -17.54 6.59
CA GLU C 275 -15.93 -17.06 7.60
C GLU C 275 -16.42 -18.20 8.49
N ALA C 276 -16.58 -19.38 7.88
CA ALA C 276 -17.06 -20.57 8.55
C ALA C 276 -15.98 -21.22 9.42
N LEU C 277 -14.73 -21.05 9.02
CA LEU C 277 -13.60 -21.59 9.77
C LEU C 277 -13.47 -21.00 11.16
N ARG C 278 -13.65 -19.68 11.25
CA ARG C 278 -13.64 -18.97 12.51
C ARG C 278 -14.67 -19.55 13.48
N ALA C 279 -15.92 -19.69 13.02
CA ALA C 279 -17.02 -20.27 13.84
C ALA C 279 -16.75 -21.72 14.26
N GLU C 280 -15.98 -22.44 13.43
CA GLU C 280 -15.54 -23.78 13.78
C GLU C 280 -14.58 -23.74 14.95
N TRP C 281 -13.62 -22.82 14.89
CA TRP C 281 -12.64 -22.62 15.95
C TRP C 281 -13.33 -22.29 17.27
N GLN C 282 -14.30 -21.38 17.21
CA GLN C 282 -15.07 -21.01 18.39
C GLN C 282 -15.79 -22.21 19.00
N ALA C 283 -16.37 -23.07 18.17
CA ALA C 283 -17.09 -24.22 18.66
C ALA C 283 -16.14 -25.24 19.27
N THR C 284 -14.98 -25.40 18.64
CA THR C 284 -13.92 -26.29 19.15
C THR C 284 -13.44 -25.78 20.52
N ALA C 285 -13.25 -24.47 20.62
CA ALA C 285 -12.89 -23.82 21.87
C ALA C 285 -13.89 -24.05 23.01
N LYS C 286 -15.19 -23.91 22.77
CA LYS C 286 -16.20 -24.19 23.81
C LYS C 286 -16.17 -25.66 24.15
N GLU C 287 -15.92 -26.47 23.13
CA GLU C 287 -15.94 -27.90 23.33
C GLU C 287 -14.73 -28.31 24.18
N LEU C 288 -13.58 -27.67 23.92
CA LEU C 288 -12.38 -27.91 24.72
C LEU C 288 -12.43 -27.27 26.12
N GLY C 289 -13.49 -26.50 26.37
CA GLY C 289 -13.72 -25.89 27.69
C GLY C 289 -12.91 -24.63 27.95
N ILE C 290 -12.59 -23.90 26.89
CA ILE C 290 -11.74 -22.72 26.99
C ILE C 290 -12.58 -21.46 27.23
N ASP C 291 -12.27 -20.80 28.33
CA ASP C 291 -12.83 -19.51 28.67
C ASP C 291 -11.80 -18.41 28.32
N PHE C 292 -12.22 -17.44 27.50
CA PHE C 292 -11.29 -16.40 27.01
C PHE C 292 -11.19 -15.14 27.87
N SER C 293 -12.04 -15.07 28.92
CA SER C 293 -12.03 -14.02 29.95
C SER C 293 -12.85 -12.79 29.57
S SO4 E . -9.39 3.27 -8.46
O1 SO4 E . -9.17 4.27 -7.42
O2 SO4 E . -10.39 2.32 -7.98
O3 SO4 E . -8.11 2.60 -8.72
O4 SO4 E . -9.90 3.93 -9.66
S SO4 F . -3.37 -18.39 5.86
O1 SO4 F . -2.53 -18.15 4.69
O2 SO4 F . -4.58 -19.10 5.48
O3 SO4 F . -3.79 -17.13 6.47
O4 SO4 F . -2.63 -19.20 6.83
#